data_8CK4
#
_entry.id   8CK4
#
_cell.length_a   72.287
_cell.length_b   83.765
_cell.length_c   41.149
_cell.angle_alpha   90.00
_cell.angle_beta   106.59
_cell.angle_gamma   90.00
#
_symmetry.space_group_name_H-M   'C 1 2 1'
#
loop_
_entity.id
_entity.type
_entity.pdbx_description
1 polymer 'Endothelial PAS domain-containing protein 1'
2 polymer 'Aryl hydrocarbon receptor nuclear translocator'
3 non-polymer (4~{S})-1-[3,5-bis(fluoranyl)phenyl]-5,5-bis(fluoranyl)-3-methylsulfonyl-6,7-dihydro-4~{H}-2-benzothiophen-4-ol
4 water water
#
loop_
_entity_poly.entity_id
_entity_poly.type
_entity_poly.pdbx_seq_one_letter_code
_entity_poly.pdbx_strand_id
1 'polypeptide(L)'
;GEFKGLDSKTFLSEHSMDMKFTYCDDRITELIGYHPEELLGRSAYEFYHALDSENMTKSHQNLCTKGQVVSGQYRMLAKH
GGYVWLETQGTVIYNPRNLQPQCIMCVNYVLSEIEKNG
;
A
2 'polypeptide(L)'
;GEFKGLNVCQPTRFISRHNIEGIFTFVDHRCVATVGYQPQELLGKNIVEFCHPEDQQLLRDSFQQVVKLKGQVLSVMFRF
RSKNQEWLWMRTSSFTFQNPYSDEIEYIICTNTNVKNSSQEG
;
B
#
# COMPACT_ATOMS: atom_id res chain seq x y z
N GLU A 2 -7.98 -7.18 -26.88
CA GLU A 2 -6.97 -7.31 -25.85
C GLU A 2 -7.53 -7.15 -24.42
N PHE A 3 -6.82 -7.69 -23.43
CA PHE A 3 -7.21 -7.61 -22.02
C PHE A 3 -5.99 -7.32 -21.13
N LYS A 4 -6.18 -6.54 -20.05
CA LYS A 4 -5.11 -6.15 -19.14
C LYS A 4 -4.45 -7.30 -18.36
N GLY A 5 -3.17 -7.12 -18.04
CA GLY A 5 -2.42 -8.06 -17.22
C GLY A 5 -2.72 -7.90 -15.74
N LEU A 6 -2.13 -8.78 -14.92
CA LEU A 6 -2.33 -8.81 -13.47
C LEU A 6 -1.86 -7.53 -12.76
N ASP A 7 -0.70 -6.98 -13.17
CA ASP A 7 -0.17 -5.76 -12.56
C ASP A 7 -1.03 -4.55 -12.91
N SER A 8 -1.42 -4.44 -14.17
CA SER A 8 -2.28 -3.35 -14.64
C SER A 8 -3.71 -3.43 -14.04
N LYS A 9 -4.08 -4.57 -13.44
CA LYS A 9 -5.36 -4.76 -12.77
C LYS A 9 -5.26 -4.69 -11.23
N THR A 10 -4.11 -4.24 -10.71
CA THR A 10 -3.87 -4.10 -9.28
C THR A 10 -3.76 -2.63 -8.91
N PHE A 11 -4.34 -2.24 -7.79
CA PHE A 11 -4.24 -0.87 -7.30
C PHE A 11 -4.16 -0.92 -5.78
N LEU A 12 -3.41 0.02 -5.19
CA LEU A 12 -3.26 0.12 -3.75
C LEU A 12 -4.25 1.14 -3.17
N SER A 13 -4.62 0.93 -1.91
CA SER A 13 -5.47 1.85 -1.20
C SER A 13 -5.13 1.85 0.29
N GLU A 14 -5.35 3.00 0.93
CA GLU A 14 -5.10 3.17 2.35
C GLU A 14 -6.43 3.49 3.03
N HIS A 15 -6.63 3.02 4.26
CA HIS A 15 -7.89 3.23 4.95
C HIS A 15 -7.68 3.45 6.43
N SER A 16 -8.59 4.17 7.07
CA SER A 16 -8.59 4.31 8.52
C SER A 16 -9.31 3.06 9.11
N MET A 17 -9.25 2.86 10.45
CA MET A 17 -9.85 1.65 11.05
C MET A 17 -11.38 1.55 10.86
N ASP A 18 -12.04 2.67 10.51
CA ASP A 18 -13.47 2.68 10.20
C ASP A 18 -13.78 2.41 8.69
N MET A 19 -12.77 1.89 7.93
CA MET A 19 -12.86 1.54 6.49
C MET A 19 -12.87 2.71 5.52
N LYS A 20 -12.85 3.96 6.00
CA LYS A 20 -12.87 5.11 5.10
C LYS A 20 -11.60 5.16 4.27
N PHE A 21 -11.70 5.57 3.00
CA PHE A 21 -10.52 5.75 2.16
C PHE A 21 -9.71 6.94 2.62
N THR A 22 -8.39 6.77 2.82
CA THR A 22 -7.48 7.89 3.13
C THR A 22 -6.44 8.10 1.99
N TYR A 23 -6.35 7.19 1.05
CA TYR A 23 -5.49 7.25 -0.11
C TYR A 23 -5.99 6.23 -1.11
N CYS A 24 -5.96 6.57 -2.39
CA CYS A 24 -6.27 5.60 -3.43
C CYS A 24 -5.40 5.84 -4.66
N ASP A 25 -4.88 4.75 -5.21
CA ASP A 25 -4.03 4.73 -6.40
C ASP A 25 -4.81 5.26 -7.60
N ASP A 26 -4.18 6.10 -8.44
CA ASP A 26 -4.82 6.63 -9.65
C ASP A 26 -5.27 5.49 -10.61
N ARG A 27 -4.72 4.29 -10.43
CA ARG A 27 -5.06 3.16 -11.27
C ARG A 27 -6.54 2.77 -11.18
N ILE A 28 -7.19 3.08 -10.06
CA ILE A 28 -8.59 2.76 -9.87
C ILE A 28 -9.49 3.38 -10.94
N THR A 29 -9.06 4.50 -11.56
CA THR A 29 -9.81 5.18 -12.60
C THR A 29 -10.00 4.30 -13.84
N GLU A 30 -8.94 3.65 -14.32
CA GLU A 30 -9.03 2.77 -15.49
C GLU A 30 -9.83 1.49 -15.19
N LEU A 31 -9.85 1.04 -13.94
CA LEU A 31 -10.47 -0.23 -13.58
C LEU A 31 -11.93 -0.14 -13.13
N ILE A 32 -12.26 0.81 -12.26
CA ILE A 32 -13.60 0.93 -11.68
C ILE A 32 -14.28 2.32 -11.97
N GLY A 33 -13.56 3.25 -12.59
CA GLY A 33 -14.11 4.55 -12.95
C GLY A 33 -13.93 5.69 -11.96
N TYR A 34 -13.72 5.36 -10.67
CA TYR A 34 -13.58 6.39 -9.65
C TYR A 34 -12.28 7.18 -9.70
N HIS A 35 -12.33 8.40 -9.20
CA HIS A 35 -11.17 9.25 -9.03
C HIS A 35 -10.87 9.22 -7.55
N PRO A 36 -9.59 9.06 -7.18
CA PRO A 36 -9.25 9.00 -5.76
C PRO A 36 -9.85 10.09 -4.88
N GLU A 37 -9.94 11.34 -5.38
CA GLU A 37 -10.52 12.44 -4.59
C GLU A 37 -11.98 12.24 -4.23
N GLU A 38 -12.77 11.53 -5.06
CA GLU A 38 -14.18 11.28 -4.72
C GLU A 38 -14.36 10.11 -3.74
N LEU A 39 -13.33 9.28 -3.55
CA LEU A 39 -13.39 8.15 -2.63
C LEU A 39 -12.95 8.56 -1.22
N LEU A 40 -12.10 9.62 -1.07
CA LEU A 40 -11.62 10.05 0.24
C LEU A 40 -12.72 10.37 1.24
N GLY A 41 -12.59 9.84 2.45
CA GLY A 41 -13.58 10.04 3.51
C GLY A 41 -14.81 9.16 3.41
N ARG A 42 -14.91 8.35 2.32
CA ARG A 42 -16.06 7.46 2.11
C ARG A 42 -15.70 6.05 2.56
N SER A 43 -16.58 5.41 3.36
CA SER A 43 -16.34 4.05 3.82
C SER A 43 -16.36 3.08 2.64
N ALA A 44 -15.44 2.12 2.62
CA ALA A 44 -15.39 1.12 1.54
C ALA A 44 -16.70 0.29 1.49
N TYR A 45 -17.33 0.10 2.66
CA TYR A 45 -18.58 -0.62 2.85
C TYR A 45 -19.68 -0.08 1.96
N GLU A 46 -19.69 1.23 1.69
CA GLU A 46 -20.69 1.82 0.81
C GLU A 46 -20.66 1.26 -0.63
N PHE A 47 -19.56 0.63 -1.03
CA PHE A 47 -19.38 0.10 -2.37
C PHE A 47 -19.56 -1.40 -2.50
N TYR A 48 -19.60 -2.14 -1.38
CA TYR A 48 -19.75 -3.61 -1.46
C TYR A 48 -21.11 -3.98 -1.99
N HIS A 49 -21.20 -5.10 -2.73
CA HIS A 49 -22.49 -5.62 -3.17
C HIS A 49 -23.18 -6.19 -1.91
N ALA A 50 -24.50 -6.00 -1.80
CA ALA A 50 -25.26 -6.44 -0.63
C ALA A 50 -25.09 -7.92 -0.28
N LEU A 51 -24.86 -8.78 -1.28
CA LEU A 51 -24.67 -10.21 -1.02
C LEU A 51 -23.27 -10.57 -0.49
N ASP A 52 -22.30 -9.66 -0.63
CA ASP A 52 -20.96 -9.84 -0.08
C ASP A 52 -20.79 -9.17 1.31
N SER A 53 -21.80 -8.39 1.76
CA SER A 53 -21.84 -7.62 3.01
C SER A 53 -21.36 -8.36 4.26
N GLU A 54 -22.03 -9.47 4.64
CA GLU A 54 -21.68 -10.24 5.83
C GLU A 54 -20.27 -10.83 5.74
N ASN A 55 -19.87 -11.34 4.57
CA ASN A 55 -18.56 -11.93 4.35
C ASN A 55 -17.44 -10.89 4.57
N MET A 56 -17.60 -9.68 4.02
CA MET A 56 -16.63 -8.59 4.16
C MET A 56 -16.53 -8.10 5.59
N THR A 57 -17.63 -8.17 6.34
CA THR A 57 -17.67 -7.80 7.75
C THR A 57 -16.81 -8.81 8.52
N LYS A 58 -16.99 -10.12 8.26
CA LYS A 58 -16.22 -11.18 8.90
C LYS A 58 -14.74 -11.08 8.55
N SER A 59 -14.42 -10.69 7.31
CA SER A 59 -13.04 -10.52 6.88
C SER A 59 -12.39 -9.32 7.58
N HIS A 60 -13.13 -8.20 7.70
CA HIS A 60 -12.61 -7.02 8.41
C HIS A 60 -12.35 -7.35 9.88
N GLN A 61 -13.23 -8.16 10.50
CA GLN A 61 -13.06 -8.59 11.89
C GLN A 61 -11.83 -9.49 12.06
N ASN A 62 -11.53 -10.34 11.05
CA ASN A 62 -10.36 -11.20 11.04
C ASN A 62 -9.09 -10.38 10.86
N LEU A 63 -9.14 -9.37 9.99
CA LEU A 63 -8.04 -8.44 9.72
C LEU A 63 -7.68 -7.63 10.98
N CYS A 64 -8.68 -7.32 11.82
CA CYS A 64 -8.44 -6.55 13.04
C CYS A 64 -7.84 -7.42 14.15
N THR A 65 -8.31 -8.67 14.30
CA THR A 65 -7.77 -9.56 15.33
C THR A 65 -6.41 -10.16 14.96
N LYS A 66 -6.19 -10.48 13.67
CA LYS A 66 -4.96 -11.10 13.20
C LYS A 66 -3.92 -10.11 12.63
N GLY A 67 -4.38 -9.01 12.07
CA GLY A 67 -3.50 -7.98 11.51
C GLY A 67 -3.26 -8.05 10.02
N GLN A 68 -3.63 -9.17 9.41
CA GLN A 68 -3.42 -9.40 7.98
C GLN A 68 -4.52 -10.37 7.52
N VAL A 69 -5.13 -10.12 6.34
CA VAL A 69 -6.20 -11.00 5.82
C VAL A 69 -6.27 -11.03 4.28
N VAL A 70 -6.86 -12.09 3.73
CA VAL A 70 -7.12 -12.23 2.30
C VAL A 70 -8.63 -12.31 2.23
N SER A 71 -9.27 -11.31 1.60
CA SER A 71 -10.73 -11.14 1.53
C SER A 71 -11.53 -12.25 0.87
N GLY A 72 -10.97 -12.84 -0.17
CA GLY A 72 -11.73 -13.72 -1.03
C GLY A 72 -12.46 -12.87 -2.07
N GLN A 73 -13.23 -13.52 -2.94
CA GLN A 73 -13.93 -12.80 -4.00
C GLN A 73 -15.14 -12.03 -3.52
N TYR A 74 -15.20 -10.75 -3.89
CA TYR A 74 -16.29 -9.85 -3.56
C TYR A 74 -16.51 -8.86 -4.73
N ARG A 75 -17.70 -8.26 -4.80
CA ARG A 75 -18.01 -7.29 -5.85
C ARG A 75 -17.98 -5.88 -5.29
N MET A 76 -17.52 -4.94 -6.10
CA MET A 76 -17.48 -3.52 -5.74
C MET A 76 -18.24 -2.77 -6.81
N LEU A 77 -19.15 -1.87 -6.41
CA LEU A 77 -19.98 -1.10 -7.34
C LEU A 77 -19.12 -0.21 -8.18
N ALA A 78 -19.23 -0.33 -9.50
CA ALA A 78 -18.44 0.50 -10.41
C ALA A 78 -19.12 1.85 -10.63
N LYS A 79 -18.33 2.90 -10.91
CA LYS A 79 -18.84 4.25 -11.06
C LYS A 79 -20.01 4.38 -12.04
N HIS A 80 -19.83 3.93 -13.28
CA HIS A 80 -20.89 4.06 -14.29
C HIS A 80 -21.91 2.91 -14.25
N GLY A 81 -22.05 2.26 -13.09
CA GLY A 81 -23.00 1.16 -12.91
C GLY A 81 -22.33 -0.19 -13.03
N GLY A 82 -23.01 -1.23 -12.59
CA GLY A 82 -22.46 -2.58 -12.62
C GLY A 82 -21.53 -2.83 -11.45
N TYR A 83 -20.94 -4.03 -11.39
CA TYR A 83 -20.04 -4.39 -10.29
C TYR A 83 -18.84 -5.12 -10.86
N VAL A 84 -17.64 -4.84 -10.33
CA VAL A 84 -16.44 -5.59 -10.71
C VAL A 84 -16.12 -6.55 -9.57
N TRP A 85 -15.56 -7.72 -9.90
CA TRP A 85 -15.16 -8.68 -8.87
C TRP A 85 -13.73 -8.39 -8.49
N LEU A 86 -13.42 -8.34 -7.18
CA LEU A 86 -12.11 -8.05 -6.64
C LEU A 86 -11.65 -9.10 -5.63
N GLU A 87 -10.36 -9.06 -5.30
CA GLU A 87 -9.72 -9.85 -4.27
C GLU A 87 -8.66 -8.95 -3.63
N THR A 88 -8.78 -8.70 -2.32
CA THR A 88 -7.88 -7.81 -1.62
C THR A 88 -7.03 -8.54 -0.57
N GLN A 89 -5.79 -8.09 -0.40
CA GLN A 89 -4.93 -8.50 0.69
C GLN A 89 -4.84 -7.27 1.62
N GLY A 90 -5.33 -7.41 2.84
CA GLY A 90 -5.31 -6.32 3.81
C GLY A 90 -4.22 -6.48 4.85
N THR A 91 -3.61 -5.37 5.26
CA THR A 91 -2.55 -5.42 6.27
C THR A 91 -2.71 -4.19 7.16
N VAL A 92 -2.77 -4.38 8.48
CA VAL A 92 -2.86 -3.25 9.41
C VAL A 92 -1.46 -2.75 9.78
N ILE A 93 -1.26 -1.42 9.71
CA ILE A 93 -0.01 -0.77 10.12
C ILE A 93 -0.22 -0.27 11.55
N TYR A 94 0.65 -0.66 12.48
CA TYR A 94 0.54 -0.29 13.90
C TYR A 94 1.69 0.67 14.34
N ASN A 95 1.81 0.93 15.68
CA ASN A 95 2.83 1.71 16.38
C ASN A 95 2.58 3.21 16.36
N PRO A 101 -3.16 0.54 16.21
CA PRO A 101 -3.60 0.65 14.81
C PRO A 101 -3.54 2.08 14.31
N GLN A 102 -2.91 2.28 13.16
CA GLN A 102 -2.72 3.58 12.53
C GLN A 102 -3.55 3.64 11.25
N CYS A 103 -3.49 2.57 10.43
CA CYS A 103 -4.21 2.48 9.17
C CYS A 103 -4.22 1.03 8.61
N ILE A 104 -4.92 0.82 7.49
CA ILE A 104 -5.00 -0.46 6.81
C ILE A 104 -4.51 -0.27 5.40
N MET A 105 -3.52 -1.05 4.99
CA MET A 105 -3.00 -1.00 3.63
C MET A 105 -3.63 -2.13 2.86
N CYS A 106 -4.20 -1.82 1.71
CA CYS A 106 -4.86 -2.79 0.85
C CYS A 106 -4.18 -2.94 -0.50
N VAL A 107 -4.02 -4.20 -0.95
CA VAL A 107 -3.55 -4.48 -2.29
C VAL A 107 -4.76 -5.08 -2.95
N ASN A 108 -5.37 -4.35 -3.87
CA ASN A 108 -6.62 -4.76 -4.50
C ASN A 108 -6.38 -5.23 -5.92
N TYR A 109 -6.83 -6.44 -6.26
CA TYR A 109 -6.67 -6.98 -7.59
C TYR A 109 -8.04 -7.24 -8.20
N VAL A 110 -8.30 -6.64 -9.37
CA VAL A 110 -9.56 -6.80 -10.10
C VAL A 110 -9.55 -8.12 -10.87
N LEU A 111 -10.34 -9.07 -10.40
CA LEU A 111 -10.48 -10.39 -11.02
C LEU A 111 -11.24 -10.33 -12.34
N SER A 112 -12.15 -9.38 -12.49
CA SER A 112 -12.95 -9.22 -13.68
C SER A 112 -12.12 -8.99 -14.93
N GLU A 113 -12.69 -9.29 -16.09
CA GLU A 113 -12.04 -9.05 -17.36
C GLU A 113 -12.09 -7.56 -17.64
N ILE A 114 -10.92 -6.93 -17.74
CA ILE A 114 -10.83 -5.51 -18.04
C ILE A 114 -10.02 -5.40 -19.35
N GLU A 115 -10.56 -4.68 -20.33
CA GLU A 115 -9.89 -4.53 -21.63
C GLU A 115 -8.95 -3.32 -21.65
N PRO B 11 -0.20 12.94 11.40
CA PRO B 11 0.48 11.66 11.10
C PRO B 11 0.95 11.63 9.65
N THR B 12 2.00 12.41 9.36
CA THR B 12 2.52 12.59 7.99
C THR B 12 3.20 11.31 7.45
N ARG B 13 2.49 10.59 6.58
CA ARG B 13 2.99 9.35 5.99
C ARG B 13 2.70 9.23 4.50
N PHE B 14 3.52 8.48 3.79
CA PHE B 14 3.32 8.21 2.37
C PHE B 14 3.60 6.77 2.04
N ILE B 15 2.91 6.26 1.04
CA ILE B 15 3.12 4.90 0.57
C ILE B 15 4.13 4.92 -0.54
N SER B 16 5.01 3.93 -0.53
CA SER B 16 5.95 3.71 -1.59
C SER B 16 5.95 2.20 -1.95
N ARG B 17 6.39 1.88 -3.15
CA ARG B 17 6.51 0.50 -3.61
C ARG B 17 7.94 0.35 -4.08
N HIS B 18 8.57 -0.79 -3.77
CA HIS B 18 9.96 -1.00 -4.18
C HIS B 18 10.17 -2.38 -4.77
N ASN B 19 11.22 -2.52 -5.57
CA ASN B 19 11.62 -3.83 -6.03
C ASN B 19 12.52 -4.41 -4.90
N ILE B 20 12.93 -5.65 -5.04
CA ILE B 20 13.76 -6.36 -4.08
C ILE B 20 15.06 -5.60 -3.75
N GLU B 21 15.64 -4.88 -4.72
CA GLU B 21 16.88 -4.11 -4.49
C GLU B 21 16.69 -2.78 -3.72
N GLY B 22 15.46 -2.33 -3.57
CA GLY B 22 15.15 -1.09 -2.85
C GLY B 22 14.81 0.10 -3.74
N ILE B 23 14.73 -0.12 -5.04
CA ILE B 23 14.43 0.94 -5.99
C ILE B 23 12.96 1.32 -5.86
N PHE B 24 12.68 2.63 -5.76
CA PHE B 24 11.32 3.13 -5.74
C PHE B 24 10.69 2.87 -7.11
N THR B 25 9.62 2.09 -7.17
CA THR B 25 8.86 1.80 -8.40
C THR B 25 7.49 2.53 -8.41
N PHE B 26 7.03 3.03 -7.25
CA PHE B 26 5.80 3.78 -7.09
C PHE B 26 5.96 4.66 -5.86
N VAL B 27 5.57 5.94 -5.93
CA VAL B 27 5.59 6.83 -4.76
C VAL B 27 4.28 7.61 -4.69
N ASP B 28 3.66 7.66 -3.50
CA ASP B 28 2.44 8.41 -3.33
C ASP B 28 2.80 9.89 -3.09
N HIS B 29 2.07 10.80 -3.78
CA HIS B 29 2.25 12.26 -3.80
C HIS B 29 2.36 12.93 -2.41
N ARG B 30 1.92 12.24 -1.32
CA ARG B 30 2.05 12.75 0.06
C ARG B 30 3.53 12.79 0.55
N CYS B 31 4.49 12.34 -0.28
CA CYS B 31 5.93 12.38 -0.03
C CYS B 31 6.47 13.81 -0.07
N VAL B 32 5.81 14.73 -0.82
CA VAL B 32 6.26 16.12 -0.84
C VAL B 32 6.16 16.76 0.54
N ALA B 33 5.08 16.46 1.28
CA ALA B 33 4.90 16.99 2.62
C ALA B 33 5.77 16.23 3.64
N THR B 34 6.00 14.94 3.43
CA THR B 34 6.78 14.13 4.37
C THR B 34 8.31 14.39 4.28
N VAL B 35 8.91 14.17 3.11
CA VAL B 35 10.34 14.28 2.89
C VAL B 35 10.75 15.37 1.87
N GLY B 36 9.81 16.19 1.40
CA GLY B 36 10.10 17.29 0.50
C GLY B 36 10.30 17.05 -0.99
N TYR B 37 10.36 15.81 -1.43
CA TYR B 37 10.59 15.49 -2.83
C TYR B 37 9.30 15.20 -3.58
N GLN B 38 9.28 15.52 -4.87
CA GLN B 38 8.17 15.15 -5.73
C GLN B 38 8.38 13.67 -6.07
N PRO B 39 7.31 12.90 -6.39
CA PRO B 39 7.50 11.48 -6.73
C PRO B 39 8.53 11.23 -7.85
N GLN B 40 8.57 12.11 -8.86
CA GLN B 40 9.51 11.96 -9.98
C GLN B 40 10.99 12.08 -9.56
N GLU B 41 11.27 12.74 -8.42
CA GLU B 41 12.62 12.86 -7.85
C GLU B 41 13.05 11.59 -7.07
N LEU B 42 12.09 10.72 -6.73
CA LEU B 42 12.37 9.49 -6.00
C LEU B 42 12.30 8.27 -6.94
N LEU B 43 11.45 8.33 -7.98
CA LEU B 43 11.25 7.21 -8.90
C LEU B 43 12.50 6.78 -9.64
N GLY B 44 12.76 5.48 -9.61
CA GLY B 44 13.93 4.91 -10.26
C GLY B 44 15.19 4.95 -9.41
N LYS B 45 15.13 5.63 -8.24
CA LYS B 45 16.27 5.71 -7.35
C LYS B 45 16.15 4.70 -6.21
N ASN B 46 17.27 4.32 -5.60
CA ASN B 46 17.25 3.37 -4.49
C ASN B 46 17.00 4.10 -3.18
N ILE B 47 16.18 3.51 -2.29
CA ILE B 47 15.89 4.10 -0.98
C ILE B 47 17.14 4.22 -0.08
N VAL B 48 18.17 3.39 -0.33
CA VAL B 48 19.41 3.46 0.42
C VAL B 48 20.23 4.74 0.09
N GLU B 49 19.98 5.39 -1.07
CA GLU B 49 20.66 6.62 -1.44
C GLU B 49 20.24 7.84 -0.58
N PHE B 50 19.03 7.82 -0.04
CA PHE B 50 18.52 8.88 0.85
C PHE B 50 18.70 8.53 2.35
N CYS B 51 19.35 7.41 2.65
CA CYS B 51 19.56 6.89 3.98
C CYS B 51 20.86 7.37 4.63
N HIS B 52 20.82 7.58 5.94
CA HIS B 52 21.98 7.97 6.71
C HIS B 52 22.97 6.82 6.68
N PRO B 53 24.25 7.10 6.41
CA PRO B 53 25.26 6.02 6.32
C PRO B 53 25.32 5.06 7.49
N GLU B 54 24.93 5.47 8.69
CA GLU B 54 24.90 4.58 9.84
C GLU B 54 23.74 3.59 9.76
N ASP B 55 22.63 3.97 9.10
CA ASP B 55 21.43 3.14 8.94
C ASP B 55 21.32 2.36 7.61
N GLN B 56 22.22 2.57 6.63
CA GLN B 56 22.11 1.91 5.31
C GLN B 56 22.15 0.39 5.37
N GLN B 57 23.07 -0.21 6.14
CA GLN B 57 23.14 -1.66 6.24
C GLN B 57 21.89 -2.25 6.86
N LEU B 58 21.33 -1.59 7.90
CA LEU B 58 20.12 -2.04 8.55
C LEU B 58 18.94 -2.00 7.59
N LEU B 59 18.87 -0.97 6.72
CA LEU B 59 17.84 -0.82 5.71
C LEU B 59 17.99 -1.89 4.59
N ARG B 60 19.24 -2.22 4.19
CA ARG B 60 19.49 -3.26 3.18
C ARG B 60 19.11 -4.62 3.74
N ASP B 61 19.52 -4.92 4.98
CA ASP B 61 19.21 -6.18 5.64
C ASP B 61 17.72 -6.33 5.87
N SER B 62 17.01 -5.22 6.12
CA SER B 62 15.58 -5.21 6.34
C SER B 62 14.82 -5.60 5.08
N PHE B 63 15.24 -5.06 3.94
CA PHE B 63 14.62 -5.36 2.66
C PHE B 63 14.86 -6.82 2.28
N GLN B 64 16.06 -7.35 2.58
CA GLN B 64 16.36 -8.75 2.30
C GLN B 64 15.50 -9.67 3.15
N GLN B 65 15.23 -9.29 4.42
CA GLN B 65 14.43 -10.13 5.29
C GLN B 65 12.91 -10.02 5.08
N VAL B 66 12.38 -8.85 4.67
CA VAL B 66 10.94 -8.73 4.47
C VAL B 66 10.41 -9.73 3.41
N VAL B 67 11.24 -10.15 2.42
CA VAL B 67 10.83 -11.13 1.41
C VAL B 67 10.76 -12.56 1.97
N LYS B 68 11.51 -12.85 3.03
CA LYS B 68 11.47 -14.17 3.67
C LYS B 68 10.38 -14.26 4.76
N LEU B 69 9.69 -13.15 5.07
CA LEU B 69 8.73 -13.11 6.15
C LEU B 69 7.28 -13.32 5.74
N LYS B 70 7.04 -13.84 4.53
CA LYS B 70 5.71 -14.26 4.05
C LYS B 70 4.51 -13.28 4.27
N GLY B 71 4.65 -12.03 3.82
CA GLY B 71 3.55 -11.06 3.93
C GLY B 71 3.42 -10.36 5.28
N GLN B 72 4.23 -10.77 6.27
CA GLN B 72 4.22 -10.12 7.58
C GLN B 72 4.88 -8.73 7.52
N VAL B 73 4.56 -7.88 8.49
CA VAL B 73 5.06 -6.53 8.54
C VAL B 73 6.41 -6.43 9.23
N LEU B 74 7.33 -5.72 8.60
N LEU B 74 7.34 -5.72 8.60
CA LEU B 74 8.66 -5.48 9.13
CA LEU B 74 8.64 -5.48 9.18
C LEU B 74 8.82 -3.97 9.27
C LEU B 74 8.85 -3.97 9.27
N SER B 75 9.03 -3.47 10.49
CA SER B 75 9.23 -2.04 10.70
C SER B 75 10.70 -1.70 10.87
N VAL B 76 11.13 -0.61 10.23
CA VAL B 76 12.52 -0.18 10.33
C VAL B 76 12.59 1.33 10.57
N MET B 77 13.44 1.74 11.50
CA MET B 77 13.66 3.15 11.78
C MET B 77 14.97 3.56 11.12
N PHE B 78 14.97 4.69 10.41
CA PHE B 78 16.17 5.18 9.76
C PHE B 78 16.12 6.71 9.52
N ARG B 79 17.28 7.30 9.26
CA ARG B 79 17.34 8.72 8.97
C ARG B 79 17.34 8.96 7.47
N PHE B 80 16.33 9.70 7.00
CA PHE B 80 16.10 10.01 5.58
C PHE B 80 16.50 11.46 5.31
N ARG B 81 17.31 11.69 4.26
CA ARG B 81 17.75 13.05 3.92
C ARG B 81 16.65 13.75 3.15
N SER B 82 15.94 14.68 3.82
CA SER B 82 14.84 15.40 3.18
C SER B 82 15.35 16.34 2.07
N LYS B 83 14.41 16.87 1.24
CA LYS B 83 14.79 17.82 0.19
C LYS B 83 15.42 19.07 0.82
N ASN B 84 14.86 19.52 1.97
CA ASN B 84 15.39 20.63 2.73
C ASN B 84 16.67 20.33 3.49
N GLN B 85 17.42 19.30 3.05
CA GLN B 85 18.72 18.90 3.59
C GLN B 85 18.74 18.80 5.10
N GLU B 86 17.97 17.87 5.64
CA GLU B 86 17.90 17.54 7.07
C GLU B 86 17.66 16.03 7.23
N TRP B 87 18.17 15.42 8.31
CA TRP B 87 17.95 14.01 8.56
C TRP B 87 16.66 13.85 9.33
N LEU B 88 15.64 13.25 8.74
CA LEU B 88 14.35 13.02 9.40
C LEU B 88 14.26 11.57 9.85
N TRP B 89 13.73 11.34 11.05
CA TRP B 89 13.55 9.99 11.54
C TRP B 89 12.31 9.38 10.89
N MET B 90 12.46 8.23 10.25
CA MET B 90 11.38 7.58 9.53
C MET B 90 11.13 6.21 10.03
N ARG B 91 9.85 5.87 10.23
CA ARG B 91 9.46 4.53 10.55
C ARG B 91 8.84 4.01 9.25
N THR B 92 9.45 2.98 8.65
CA THR B 92 8.95 2.38 7.42
C THR B 92 8.39 1.03 7.77
N SER B 93 7.10 0.80 7.48
CA SER B 93 6.49 -0.51 7.71
C SER B 93 6.35 -1.18 6.34
N SER B 94 7.00 -2.32 6.17
CA SER B 94 7.06 -3.02 4.91
C SER B 94 6.49 -4.42 4.94
N PHE B 95 5.99 -4.87 3.81
CA PHE B 95 5.52 -6.23 3.63
C PHE B 95 5.65 -6.57 2.15
N THR B 96 5.91 -7.85 1.85
CA THR B 96 5.98 -8.29 0.46
C THR B 96 4.59 -8.62 -0.05
N PHE B 97 4.37 -8.37 -1.32
CA PHE B 97 3.14 -8.71 -1.98
C PHE B 97 3.53 -9.47 -3.24
N GLN B 98 2.81 -10.53 -3.50
CA GLN B 98 2.96 -11.29 -4.73
C GLN B 98 1.58 -11.75 -5.08
N ASN B 99 1.10 -11.41 -6.29
CA ASN B 99 -0.24 -11.80 -6.72
C ASN B 99 -0.29 -13.35 -6.77
N PRO B 100 -1.21 -13.97 -6.00
CA PRO B 100 -1.26 -15.43 -5.93
C PRO B 100 -1.71 -16.12 -7.22
N TYR B 101 -2.31 -15.39 -8.16
CA TYR B 101 -2.63 -15.95 -9.48
C TYR B 101 -1.38 -16.07 -10.38
N SER B 102 -0.23 -15.56 -9.93
CA SER B 102 0.98 -15.52 -10.72
C SER B 102 2.22 -16.00 -9.97
N ASP B 103 3.34 -16.11 -10.71
CA ASP B 103 4.68 -16.36 -10.21
C ASP B 103 5.58 -15.15 -10.54
N GLU B 104 5.03 -13.92 -10.49
CA GLU B 104 5.82 -12.69 -10.68
C GLU B 104 6.78 -12.55 -9.46
N ILE B 105 7.88 -11.80 -9.62
CA ILE B 105 8.76 -11.55 -8.48
C ILE B 105 8.01 -10.70 -7.43
N GLU B 106 8.16 -11.04 -6.15
CA GLU B 106 7.50 -10.38 -5.03
C GLU B 106 8.07 -8.99 -4.84
N TYR B 107 7.22 -7.95 -4.84
CA TYR B 107 7.70 -6.60 -4.58
C TYR B 107 7.31 -6.16 -3.15
N ILE B 108 7.92 -5.07 -2.68
CA ILE B 108 7.72 -4.60 -1.32
C ILE B 108 6.86 -3.35 -1.28
N ILE B 109 5.89 -3.32 -0.39
CA ILE B 109 5.01 -2.16 -0.21
C ILE B 109 5.37 -1.52 1.14
N CYS B 110 5.49 -0.18 1.19
CA CYS B 110 5.87 0.53 2.42
C CYS B 110 4.96 1.65 2.82
N THR B 111 4.83 1.87 4.13
CA THR B 111 4.19 3.06 4.68
C THR B 111 5.37 3.77 5.36
N ASN B 112 5.69 4.98 4.94
CA ASN B 112 6.83 5.73 5.48
C ASN B 112 6.34 6.95 6.25
N THR B 113 6.56 6.97 7.57
CA THR B 113 6.11 8.08 8.44
C THR B 113 7.28 8.78 9.10
N ASN B 114 7.22 10.10 9.29
CA ASN B 114 8.25 10.83 10.06
C ASN B 114 7.84 10.63 11.54
N VAL B 115 8.71 10.04 12.37
CA VAL B 115 8.42 9.82 13.78
C VAL B 115 9.47 10.48 14.68
N LYS B 116 9.20 10.58 15.99
CA LYS B 116 10.15 11.13 16.94
C LYS B 116 11.06 10.02 17.44
N ASN B 117 12.35 10.32 17.62
CA ASN B 117 13.28 9.42 18.28
C ASN B 117 13.44 10.04 19.66
N SER B 118 12.51 9.74 20.58
CA SER B 118 12.59 10.34 21.92
C SER B 118 12.24 9.38 23.05
#